data_1WMU
#
_entry.id   1WMU
#
_cell.length_a   112.244
_cell.length_b   62.138
_cell.length_c   53.926
_cell.angle_alpha   90.00
_cell.angle_beta   109.98
_cell.angle_gamma   90.00
#
_symmetry.space_group_name_H-M   'C 1 2 1'
#
loop_
_entity.id
_entity.type
_entity.pdbx_description
1 polymer 'Hemoglobin D alpha chain'
2 polymer 'Hemoglobin A and D beta chain'
3 non-polymer 'PROTOPORPHYRIN IX CONTAINING FE'
4 water water
#
loop_
_entity_poly.entity_id
_entity_poly.type
_entity_poly.pdbx_seq_one_letter_code
_entity_poly.pdbx_strand_id
1 'polypeptide(L)'
;MLTEDDKQLIQHVWEKVLEHQEDFGAEALERMFIVYPSTKTYFPHFDLHHDSEQIRHHGKKVVGALGDAVKHIDNLSATL
SELSNLHAYNLRVDPVNFKLLSHCFQVVLGAHLGREYTPQVQVAYDKFLAAVSAVLAEKYR
;
A
2 'polypeptide(L)'
;VHWTSEEKQYITSLWAKVNVGEVGGEALARLLIVYPWTQRFFASFGNLSSANAILHNAKVLAHGQKVLTSFGEAVKNLDN
IKKTFAQLSELHCEKLHVDPENFKLLGNILIIVLATHFPKEFTPASQAAWTKLVNAVAHALALGYH
;
B
#
loop_
_chem_comp.id
_chem_comp.type
_chem_comp.name
_chem_comp.formula
HEM non-polymer 'PROTOPORPHYRIN IX CONTAINING FE' 'C34 H32 Fe N4 O4'
#
# COMPACT_ATOMS: atom_id res chain seq x y z
N MET A 1 0.15 -19.47 5.06
CA MET A 1 -1.33 -19.30 5.03
C MET A 1 -1.75 -18.35 6.15
N LEU A 2 -3.04 -18.06 6.21
CA LEU A 2 -3.58 -17.20 7.25
C LEU A 2 -3.61 -17.99 8.56
N THR A 3 -2.98 -17.47 9.60
CA THR A 3 -2.95 -18.14 10.89
C THR A 3 -4.18 -17.74 11.71
N GLU A 4 -4.38 -18.38 12.84
CA GLU A 4 -5.52 -18.05 13.68
C GLU A 4 -5.35 -16.63 14.20
N ASP A 5 -4.11 -16.24 14.45
CA ASP A 5 -3.82 -14.89 14.90
C ASP A 5 -4.19 -13.89 13.81
N ASP A 6 -3.83 -14.21 12.57
CA ASP A 6 -4.16 -13.32 11.45
C ASP A 6 -5.67 -13.11 11.39
N LYS A 7 -6.42 -14.20 11.49
CA LYS A 7 -7.86 -14.14 11.43
C LYS A 7 -8.47 -13.29 12.54
N GLN A 8 -7.93 -13.41 13.75
CA GLN A 8 -8.44 -12.62 14.86
C GLN A 8 -8.14 -11.13 14.65
N LEU A 9 -6.94 -10.83 14.18
CA LEU A 9 -6.59 -9.43 13.93
C LEU A 9 -7.49 -8.87 12.83
N ILE A 10 -7.77 -9.68 11.82
CA ILE A 10 -8.62 -9.26 10.73
C ILE A 10 -10.04 -8.96 11.22
N GLN A 11 -10.62 -9.90 11.96
CA GLN A 11 -11.97 -9.76 12.48
C GLN A 11 -12.13 -8.53 13.38
N HIS A 12 -11.15 -8.28 14.25
CA HIS A 12 -11.22 -7.12 15.14
C HIS A 12 -11.33 -5.82 14.34
N VAL A 13 -10.55 -5.71 13.27
CA VAL A 13 -10.58 -4.52 12.43
C VAL A 13 -11.85 -4.49 11.59
N TRP A 14 -12.27 -5.66 11.13
CA TRP A 14 -13.44 -5.78 10.30
C TRP A 14 -14.77 -5.37 10.91
N GLU A 15 -14.97 -5.65 12.20
CA GLU A 15 -16.25 -5.28 12.78
C GLU A 15 -16.46 -3.77 12.77
N LYS A 16 -15.35 -3.01 12.67
CA LYS A 16 -15.46 -1.56 12.59
C LYS A 16 -15.89 -1.21 11.17
N VAL A 17 -15.29 -1.88 10.19
CA VAL A 17 -15.61 -1.64 8.79
C VAL A 17 -17.09 -1.89 8.50
N LEU A 18 -17.62 -2.98 9.03
CA LEU A 18 -19.02 -3.35 8.81
C LEU A 18 -20.01 -2.30 9.31
N GLU A 19 -19.55 -1.41 10.20
CA GLU A 19 -20.40 -0.35 10.74
C GLU A 19 -20.55 0.81 9.75
N HIS A 20 -19.63 0.90 8.81
CA HIS A 20 -19.67 1.96 7.82
C HIS A 20 -19.20 1.45 6.47
N GLN A 21 -19.83 0.37 6.02
CA GLN A 21 -19.50 -0.26 4.75
C GLN A 21 -19.44 0.72 3.59
N GLU A 22 -20.45 1.59 3.49
CA GLU A 22 -20.50 2.57 2.41
C GLU A 22 -19.31 3.52 2.46
N ASP A 23 -19.09 4.14 3.62
CA ASP A 23 -17.99 5.08 3.77
C ASP A 23 -16.65 4.45 3.40
N PHE A 24 -16.34 3.31 4.02
CA PHE A 24 -15.08 2.64 3.75
C PHE A 24 -14.92 2.28 2.28
N GLY A 25 -15.92 1.58 1.75
CA GLY A 25 -15.88 1.18 0.36
C GLY A 25 -15.69 2.33 -0.60
N ALA A 26 -16.49 3.39 -0.42
CA ALA A 26 -16.40 4.56 -1.28
C ALA A 26 -15.02 5.22 -1.19
N GLU A 27 -14.44 5.26 0.01
CA GLU A 27 -13.14 5.88 0.17
C GLU A 27 -12.05 5.08 -0.55
N ALA A 28 -12.11 3.75 -0.44
CA ALA A 28 -11.13 2.91 -1.09
C ALA A 28 -11.21 3.11 -2.60
N LEU A 29 -12.42 3.11 -3.12
CA LEU A 29 -12.64 3.29 -4.56
C LEU A 29 -12.18 4.65 -5.05
N GLU A 30 -12.51 5.70 -4.30
CA GLU A 30 -12.10 7.04 -4.70
C GLU A 30 -10.59 7.23 -4.68
N ARG A 31 -9.92 6.63 -3.71
CA ARG A 31 -8.46 6.75 -3.66
C ARG A 31 -7.89 6.05 -4.89
N MET A 32 -8.47 4.91 -5.26
CA MET A 32 -7.98 4.18 -6.44
C MET A 32 -8.18 5.04 -7.70
N PHE A 33 -9.37 5.61 -7.86
CA PHE A 33 -9.67 6.43 -9.04
C PHE A 33 -8.79 7.67 -9.13
N ILE A 34 -8.48 8.29 -7.99
CA ILE A 34 -7.67 9.50 -7.99
C ILE A 34 -6.18 9.21 -8.11
N VAL A 35 -5.71 8.23 -7.37
CA VAL A 35 -4.29 7.87 -7.40
C VAL A 35 -3.90 7.09 -8.65
N TYR A 36 -4.79 6.21 -9.11
CA TYR A 36 -4.52 5.40 -10.29
C TYR A 36 -5.66 5.61 -11.29
N PRO A 37 -5.73 6.82 -11.89
CA PRO A 37 -6.78 7.19 -12.86
C PRO A 37 -7.11 6.19 -13.96
N SER A 38 -6.14 5.36 -14.34
CA SER A 38 -6.41 4.37 -15.38
C SER A 38 -7.56 3.44 -14.98
N THR A 39 -7.71 3.20 -13.69
CA THR A 39 -8.78 2.30 -13.21
C THR A 39 -10.18 2.86 -13.44
N LYS A 40 -10.30 4.17 -13.65
CA LYS A 40 -11.59 4.79 -13.89
C LYS A 40 -12.26 4.31 -15.18
N THR A 41 -11.46 3.82 -16.13
CA THR A 41 -12.01 3.37 -17.40
C THR A 41 -12.88 2.12 -17.30
N TYR A 42 -12.88 1.48 -16.14
CA TYR A 42 -13.70 0.29 -15.91
C TYR A 42 -15.09 0.74 -15.48
N PHE A 43 -15.22 2.01 -15.14
CA PHE A 43 -16.49 2.56 -14.67
C PHE A 43 -17.02 3.74 -15.48
N PRO A 44 -17.06 3.61 -16.81
CA PRO A 44 -17.55 4.72 -17.64
C PRO A 44 -19.02 5.03 -17.37
N HIS A 45 -19.76 4.01 -16.93
CA HIS A 45 -21.19 4.16 -16.65
C HIS A 45 -21.47 4.83 -15.30
N PHE A 46 -20.42 5.04 -14.51
CA PHE A 46 -20.54 5.67 -13.19
C PHE A 46 -20.26 7.16 -13.19
N ASP A 47 -21.00 7.89 -12.34
CA ASP A 47 -20.74 9.31 -12.15
C ASP A 47 -19.62 9.13 -11.13
N LEU A 48 -18.43 9.60 -11.44
CA LEU A 48 -17.30 9.43 -10.53
C LEU A 48 -16.97 10.64 -9.67
N HIS A 49 -17.95 11.50 -9.44
CA HIS A 49 -17.72 12.65 -8.58
C HIS A 49 -17.74 12.16 -7.15
N HIS A 50 -17.02 12.87 -6.28
CA HIS A 50 -16.94 12.50 -4.87
C HIS A 50 -18.30 12.20 -4.25
N ASP A 51 -18.37 11.06 -3.55
CA ASP A 51 -19.58 10.60 -2.89
C ASP A 51 -20.83 10.41 -3.75
N SER A 52 -20.64 10.16 -5.04
CA SER A 52 -21.78 9.93 -5.93
C SER A 52 -22.56 8.71 -5.42
N GLU A 53 -23.83 8.63 -5.78
CA GLU A 53 -24.65 7.50 -5.36
C GLU A 53 -24.06 6.19 -5.84
N GLN A 54 -23.62 6.15 -7.09
CA GLN A 54 -23.06 4.92 -7.66
C GLN A 54 -21.78 4.48 -6.96
N ILE A 55 -20.94 5.44 -6.58
CA ILE A 55 -19.70 5.10 -5.89
C ILE A 55 -20.00 4.56 -4.50
N ARG A 56 -20.91 5.20 -3.78
CA ARG A 56 -21.25 4.76 -2.44
C ARG A 56 -21.92 3.38 -2.43
N HIS A 57 -22.88 3.17 -3.32
CA HIS A 57 -23.55 1.88 -3.36
C HIS A 57 -22.60 0.75 -3.76
N HIS A 58 -21.72 1.03 -4.72
CA HIS A 58 -20.77 0.02 -5.16
C HIS A 58 -19.74 -0.21 -4.05
N GLY A 59 -19.36 0.87 -3.37
CA GLY A 59 -18.40 0.75 -2.28
C GLY A 59 -18.94 -0.22 -1.26
N LYS A 60 -20.23 -0.09 -0.95
CA LYS A 60 -20.84 -0.99 0.02
C LYS A 60 -20.82 -2.43 -0.47
N LYS A 61 -21.07 -2.63 -1.77
CA LYS A 61 -21.06 -3.97 -2.34
C LYS A 61 -19.67 -4.60 -2.25
N VAL A 62 -18.64 -3.81 -2.54
CA VAL A 62 -17.28 -4.32 -2.47
C VAL A 62 -16.97 -4.78 -1.05
N VAL A 63 -17.30 -3.93 -0.08
CA VAL A 63 -17.06 -4.25 1.33
C VAL A 63 -17.87 -5.46 1.75
N GLY A 64 -19.09 -5.57 1.24
CA GLY A 64 -19.93 -6.70 1.56
C GLY A 64 -19.31 -7.99 1.10
N ALA A 65 -18.74 -7.98 -0.10
CA ALA A 65 -18.09 -9.16 -0.67
C ALA A 65 -16.85 -9.54 0.14
N LEU A 66 -16.10 -8.54 0.57
CA LEU A 66 -14.90 -8.80 1.37
C LEU A 66 -15.34 -9.38 2.71
N GLY A 67 -16.51 -8.93 3.19
CA GLY A 67 -17.04 -9.42 4.44
C GLY A 67 -17.39 -10.89 4.34
N ASP A 68 -17.94 -11.29 3.19
CA ASP A 68 -18.30 -12.68 2.97
C ASP A 68 -17.01 -13.49 2.90
N ALA A 69 -15.98 -12.89 2.34
CA ALA A 69 -14.68 -13.55 2.20
C ALA A 69 -14.11 -13.82 3.60
N VAL A 70 -14.29 -12.86 4.50
CA VAL A 70 -13.81 -13.00 5.87
C VAL A 70 -14.50 -14.20 6.54
N LYS A 71 -15.80 -14.33 6.33
CA LYS A 71 -16.58 -15.42 6.90
C LYS A 71 -16.13 -16.80 6.39
N HIS A 72 -16.02 -16.94 5.08
CA HIS A 72 -15.64 -18.21 4.48
C HIS A 72 -14.19 -18.17 3.99
N ILE A 73 -13.29 -17.75 4.88
CA ILE A 73 -11.88 -17.63 4.57
C ILE A 73 -11.20 -18.95 4.19
N ASP A 74 -11.78 -20.07 4.62
CA ASP A 74 -11.22 -21.38 4.31
C ASP A 74 -11.81 -21.94 3.02
N ASN A 75 -12.82 -21.26 2.49
CA ASN A 75 -13.48 -21.69 1.26
C ASN A 75 -13.66 -20.50 0.33
N LEU A 76 -12.57 -19.77 0.07
CA LEU A 76 -12.59 -18.59 -0.79
C LEU A 76 -13.04 -18.82 -2.22
N SER A 77 -12.35 -19.72 -2.93
CA SER A 77 -12.68 -20.01 -4.31
C SER A 77 -14.17 -20.25 -4.54
N ALA A 78 -14.75 -21.14 -3.75
CA ALA A 78 -16.17 -21.46 -3.88
C ALA A 78 -17.07 -20.28 -3.56
N THR A 79 -16.76 -19.57 -2.48
CA THR A 79 -17.56 -18.42 -2.05
C THR A 79 -17.56 -17.25 -3.03
N LEU A 80 -16.46 -17.04 -3.73
CA LEU A 80 -16.35 -15.93 -4.68
C LEU A 80 -16.42 -16.36 -6.13
N SER A 81 -16.85 -17.59 -6.37
CA SER A 81 -16.93 -18.13 -7.72
C SER A 81 -17.68 -17.21 -8.69
N GLU A 82 -18.87 -16.78 -8.31
CA GLU A 82 -19.67 -15.90 -9.16
C GLU A 82 -18.92 -14.60 -9.47
N LEU A 83 -18.26 -14.05 -8.46
CA LEU A 83 -17.51 -12.81 -8.64
C LEU A 83 -16.24 -13.01 -9.46
N SER A 84 -15.62 -14.17 -9.35
CA SER A 84 -14.42 -14.43 -10.13
C SER A 84 -14.77 -14.56 -11.60
N ASN A 85 -15.93 -15.14 -11.90
CA ASN A 85 -16.36 -15.28 -13.28
C ASN A 85 -16.69 -13.89 -13.82
N LEU A 86 -17.31 -13.07 -12.97
CA LEU A 86 -17.67 -11.71 -13.37
C LEU A 86 -16.46 -10.86 -13.72
N HIS A 87 -15.48 -10.82 -12.82
CA HIS A 87 -14.31 -10.00 -13.06
C HIS A 87 -13.41 -10.46 -14.18
N ALA A 88 -13.35 -11.78 -14.42
CA ALA A 88 -12.50 -12.32 -15.47
C ALA A 88 -13.19 -12.33 -16.84
N TYR A 89 -14.35 -12.99 -16.90
CA TYR A 89 -15.07 -13.12 -18.17
C TYR A 89 -15.83 -11.89 -18.65
N ASN A 90 -16.55 -11.23 -17.75
CA ASN A 90 -17.34 -10.07 -18.14
C ASN A 90 -16.57 -8.76 -18.16
N LEU A 91 -15.90 -8.46 -17.05
CA LEU A 91 -15.16 -7.22 -16.89
C LEU A 91 -13.72 -7.21 -17.40
N ARG A 92 -13.12 -8.40 -17.54
CA ARG A 92 -11.74 -8.52 -18.00
C ARG A 92 -10.81 -7.63 -17.20
N VAL A 93 -10.93 -7.66 -15.88
CA VAL A 93 -10.09 -6.82 -15.04
C VAL A 93 -8.64 -7.30 -15.03
N ASP A 94 -7.74 -6.36 -15.31
CA ASP A 94 -6.30 -6.61 -15.33
C ASP A 94 -5.90 -6.98 -13.90
N PRO A 95 -5.21 -8.11 -13.70
CA PRO A 95 -4.79 -8.53 -12.36
C PRO A 95 -4.09 -7.46 -11.53
N VAL A 96 -3.31 -6.61 -12.21
CA VAL A 96 -2.59 -5.54 -11.54
C VAL A 96 -3.54 -4.66 -10.72
N ASN A 97 -4.74 -4.46 -11.23
CA ASN A 97 -5.70 -3.60 -10.55
C ASN A 97 -6.23 -4.14 -9.23
N PHE A 98 -6.24 -5.46 -9.08
CA PHE A 98 -6.70 -6.03 -7.81
C PHE A 98 -5.71 -5.59 -6.74
N LYS A 99 -4.43 -5.55 -7.12
CA LYS A 99 -3.39 -5.12 -6.19
C LYS A 99 -3.54 -3.63 -5.85
N LEU A 100 -3.95 -2.84 -6.84
CA LEU A 100 -4.14 -1.40 -6.60
C LEU A 100 -5.29 -1.14 -5.64
N LEU A 101 -6.41 -1.84 -5.82
CA LEU A 101 -7.56 -1.66 -4.92
C LEU A 101 -7.21 -2.19 -3.53
N SER A 102 -6.51 -3.32 -3.49
CA SER A 102 -6.10 -3.91 -2.21
C SER A 102 -5.25 -2.89 -1.45
N HIS A 103 -4.31 -2.28 -2.15
CA HIS A 103 -3.42 -1.28 -1.56
C HIS A 103 -4.22 -0.09 -1.04
N CYS A 104 -5.16 0.39 -1.86
CA CYS A 104 -5.98 1.53 -1.45
C CYS A 104 -6.84 1.19 -0.25
N PHE A 105 -7.31 -0.05 -0.17
CA PHE A 105 -8.13 -0.45 0.96
C PHE A 105 -7.25 -0.40 2.21
N GLN A 106 -6.00 -0.85 2.09
CA GLN A 106 -5.09 -0.79 3.23
C GLN A 106 -4.84 0.64 3.68
N VAL A 107 -4.81 1.57 2.73
CA VAL A 107 -4.58 2.98 3.07
C VAL A 107 -5.77 3.49 3.88
N VAL A 108 -6.97 3.11 3.47
CA VAL A 108 -8.20 3.51 4.17
C VAL A 108 -8.15 2.95 5.59
N LEU A 109 -7.78 1.68 5.73
CA LEU A 109 -7.67 1.05 7.04
C LEU A 109 -6.64 1.77 7.89
N GLY A 110 -5.49 2.09 7.30
CA GLY A 110 -4.46 2.79 8.03
C GLY A 110 -4.92 4.15 8.53
N ALA A 111 -5.60 4.88 7.65
CA ALA A 111 -6.10 6.21 8.01
C ALA A 111 -7.12 6.16 9.14
N HIS A 112 -7.97 5.13 9.11
CA HIS A 112 -9.02 4.99 10.12
C HIS A 112 -8.58 4.37 11.44
N LEU A 113 -7.54 3.54 11.41
CA LEU A 113 -7.05 2.88 12.63
C LEU A 113 -5.86 3.59 13.24
N GLY A 114 -5.15 4.35 12.41
CA GLY A 114 -3.96 5.05 12.88
C GLY A 114 -3.01 4.09 13.56
N ARG A 115 -2.66 4.43 14.79
CA ARG A 115 -1.77 3.67 15.67
C ARG A 115 -2.07 2.15 15.69
N GLU A 116 -3.35 1.81 15.60
CA GLU A 116 -3.76 0.41 15.63
C GLU A 116 -3.48 -0.42 14.38
N TYR A 117 -3.11 0.23 13.29
CA TYR A 117 -2.79 -0.54 12.08
C TYR A 117 -1.31 -0.86 12.19
N THR A 118 -1.03 -1.85 13.02
CA THR A 118 0.32 -2.31 13.30
C THR A 118 0.87 -3.17 12.16
N PRO A 119 2.18 -3.48 12.19
CA PRO A 119 2.76 -4.31 11.13
C PRO A 119 2.05 -5.67 11.09
N GLN A 120 1.67 -6.18 12.26
CA GLN A 120 0.99 -7.47 12.33
C GLN A 120 -0.38 -7.42 11.68
N VAL A 121 -1.09 -6.32 11.87
CA VAL A 121 -2.41 -6.18 11.25
C VAL A 121 -2.21 -6.01 9.75
N GLN A 122 -1.17 -5.27 9.35
CA GLN A 122 -0.92 -5.08 7.92
C GLN A 122 -0.62 -6.42 7.24
N VAL A 123 0.21 -7.25 7.87
CA VAL A 123 0.53 -8.55 7.30
C VAL A 123 -0.73 -9.38 7.11
N ALA A 124 -1.58 -9.39 8.14
CA ALA A 124 -2.82 -10.15 8.09
C ALA A 124 -3.68 -9.69 6.91
N TYR A 125 -3.87 -8.39 6.78
CA TYR A 125 -4.69 -7.90 5.68
C TYR A 125 -4.01 -8.07 4.33
N ASP A 126 -2.69 -7.96 4.29
CA ASP A 126 -1.99 -8.16 3.01
C ASP A 126 -2.26 -9.59 2.54
N LYS A 127 -2.11 -10.55 3.43
CA LYS A 127 -2.35 -11.97 3.12
C LYS A 127 -3.79 -12.18 2.66
N PHE A 128 -4.72 -11.61 3.42
CA PHE A 128 -6.14 -11.75 3.13
C PHE A 128 -6.51 -11.15 1.77
N LEU A 129 -6.13 -9.90 1.56
CA LEU A 129 -6.45 -9.24 0.31
C LEU A 129 -5.77 -9.90 -0.89
N ALA A 130 -4.58 -10.43 -0.67
CA ALA A 130 -3.85 -11.10 -1.75
C ALA A 130 -4.57 -12.40 -2.11
N ALA A 131 -5.11 -13.07 -1.10
CA ALA A 131 -5.81 -14.34 -1.32
C ALA A 131 -7.09 -14.08 -2.09
N VAL A 132 -7.82 -13.03 -1.70
CA VAL A 132 -9.05 -12.68 -2.37
C VAL A 132 -8.75 -12.32 -3.82
N SER A 133 -7.67 -11.54 -4.03
CA SER A 133 -7.28 -11.12 -5.37
C SER A 133 -6.93 -12.31 -6.25
N ALA A 134 -6.22 -13.29 -5.70
CA ALA A 134 -5.85 -14.47 -6.47
C ALA A 134 -7.10 -15.19 -6.94
N VAL A 135 -8.11 -15.28 -6.08
CA VAL A 135 -9.35 -15.95 -6.45
C VAL A 135 -10.13 -15.18 -7.53
N LEU A 136 -10.20 -13.86 -7.39
CA LEU A 136 -10.93 -13.06 -8.37
C LEU A 136 -10.27 -13.11 -9.75
N ALA A 137 -9.03 -13.58 -9.81
CA ALA A 137 -8.31 -13.65 -11.08
C ALA A 137 -7.98 -15.09 -11.48
N GLU A 138 -8.44 -16.06 -10.71
CA GLU A 138 -8.12 -17.46 -11.00
C GLU A 138 -8.72 -18.00 -12.29
N LYS A 139 -9.74 -17.34 -12.81
CA LYS A 139 -10.36 -17.81 -14.04
C LYS A 139 -9.48 -17.47 -15.24
N TYR A 140 -8.36 -16.79 -14.99
CA TYR A 140 -7.41 -16.45 -16.05
C TYR A 140 -6.37 -17.56 -16.16
N ARG A 141 -6.35 -18.43 -15.16
CA ARG A 141 -5.40 -19.53 -15.14
C ARG A 141 -6.13 -20.87 -14.98
N VAL B 1 9.67 14.04 -14.06
CA VAL B 1 8.20 14.13 -13.82
C VAL B 1 7.69 15.53 -14.17
N HIS B 2 6.53 15.88 -13.65
CA HIS B 2 5.94 17.19 -13.91
C HIS B 2 5.15 17.62 -12.67
N TRP B 3 5.78 18.37 -11.78
CA TRP B 3 5.16 18.79 -10.53
C TRP B 3 4.32 20.07 -10.55
N THR B 4 3.07 19.96 -10.10
CA THR B 4 2.20 21.13 -10.01
C THR B 4 2.41 21.75 -8.63
N SER B 5 2.05 23.02 -8.50
CA SER B 5 2.19 23.73 -7.23
C SER B 5 1.46 22.99 -6.12
N GLU B 6 0.27 22.51 -6.43
CA GLU B 6 -0.55 21.79 -5.47
C GLU B 6 0.13 20.51 -4.99
N GLU B 7 0.76 19.79 -5.90
CA GLU B 7 1.44 18.53 -5.56
C GLU B 7 2.64 18.80 -4.66
N LYS B 8 3.46 19.79 -5.05
CA LYS B 8 4.63 20.16 -4.27
C LYS B 8 4.24 20.54 -2.85
N GLN B 9 3.11 21.23 -2.72
CA GLN B 9 2.62 21.66 -1.41
C GLN B 9 2.17 20.49 -0.55
N TYR B 10 1.49 19.51 -1.17
CA TYR B 10 1.04 18.34 -0.43
C TYR B 10 2.24 17.59 0.14
N ILE B 11 3.32 17.57 -0.63
CA ILE B 11 4.55 16.88 -0.24
C ILE B 11 5.33 17.64 0.83
N THR B 12 5.70 18.89 0.54
CA THR B 12 6.47 19.66 1.52
C THR B 12 5.75 19.93 2.83
N SER B 13 4.46 20.24 2.77
CA SER B 13 3.71 20.53 3.98
C SER B 13 3.58 19.33 4.91
N LEU B 14 3.40 18.14 4.34
CA LEU B 14 3.28 16.94 5.16
C LEU B 14 4.63 16.50 5.70
N TRP B 15 5.65 16.56 4.86
CA TRP B 15 7.00 16.15 5.25
C TRP B 15 7.53 16.96 6.42
N ALA B 16 7.17 18.24 6.48
CA ALA B 16 7.64 19.10 7.56
C ALA B 16 7.15 18.62 8.94
N LYS B 17 6.10 17.80 8.95
CA LYS B 17 5.54 17.28 10.20
C LYS B 17 5.96 15.83 10.47
N VAL B 18 6.64 15.23 9.50
CA VAL B 18 7.07 13.83 9.61
C VAL B 18 8.19 13.56 10.62
N ASN B 19 7.97 12.58 11.47
CA ASN B 19 8.98 12.14 12.42
C ASN B 19 9.74 11.12 11.57
N VAL B 20 10.85 11.55 10.98
CA VAL B 20 11.62 10.69 10.08
C VAL B 20 12.10 9.39 10.75
N GLY B 21 12.54 9.49 11.99
CA GLY B 21 13.01 8.32 12.70
C GLY B 21 11.90 7.30 12.92
N GLU B 22 10.75 7.77 13.37
CA GLU B 22 9.62 6.89 13.63
C GLU B 22 9.06 6.29 12.34
N VAL B 23 8.79 7.15 11.37
CA VAL B 23 8.24 6.70 10.10
C VAL B 23 9.22 5.80 9.34
N GLY B 24 10.50 6.12 9.42
CA GLY B 24 11.51 5.32 8.73
C GLY B 24 11.65 3.94 9.35
N GLY B 25 11.68 3.88 10.67
CA GLY B 25 11.78 2.60 11.35
C GLY B 25 10.57 1.74 11.04
N GLU B 26 9.40 2.38 11.01
CA GLU B 26 8.16 1.69 10.70
C GLU B 26 8.14 1.14 9.28
N ALA B 27 8.59 1.95 8.33
CA ALA B 27 8.61 1.52 6.93
C ALA B 27 9.52 0.32 6.69
N LEU B 28 10.72 0.37 7.23
CA LEU B 28 11.67 -0.72 7.04
C LEU B 28 11.23 -1.98 7.80
N ALA B 29 10.71 -1.81 9.01
CA ALA B 29 10.25 -2.97 9.77
C ALA B 29 9.14 -3.65 9.01
N ARG B 30 8.20 -2.86 8.49
CA ARG B 30 7.10 -3.42 7.73
C ARG B 30 7.56 -4.10 6.43
N LEU B 31 8.61 -3.57 5.80
CA LEU B 31 9.12 -4.20 4.58
C LEU B 31 9.60 -5.61 4.91
N LEU B 32 10.41 -5.72 5.96
CA LEU B 32 10.94 -7.01 6.38
C LEU B 32 9.89 -7.99 6.88
N ILE B 33 8.84 -7.47 7.53
CA ILE B 33 7.77 -8.32 8.05
C ILE B 33 6.74 -8.72 6.99
N VAL B 34 6.29 -7.76 6.20
CA VAL B 34 5.29 -8.03 5.17
C VAL B 34 5.83 -8.77 3.95
N TYR B 35 7.07 -8.48 3.57
CA TYR B 35 7.68 -9.13 2.40
C TYR B 35 9.00 -9.72 2.91
N PRO B 36 8.91 -10.84 3.66
CA PRO B 36 10.05 -11.53 4.27
C PRO B 36 11.29 -11.86 3.45
N TRP B 37 11.16 -12.03 2.15
CA TRP B 37 12.33 -12.34 1.34
C TRP B 37 13.32 -11.17 1.38
N THR B 38 12.84 -9.97 1.70
CA THR B 38 13.71 -8.80 1.74
C THR B 38 14.75 -8.90 2.86
N GLN B 39 14.50 -9.79 3.82
CA GLN B 39 15.43 -9.99 4.94
C GLN B 39 16.76 -10.54 4.41
N ARG B 40 16.75 -11.07 3.19
CA ARG B 40 17.96 -11.63 2.59
C ARG B 40 19.09 -10.60 2.53
N PHE B 41 18.70 -9.34 2.34
CA PHE B 41 19.67 -8.25 2.21
C PHE B 41 20.16 -7.67 3.53
N PHE B 42 19.66 -8.16 4.64
CA PHE B 42 20.03 -7.62 5.95
C PHE B 42 20.59 -8.65 6.93
N ALA B 43 21.39 -9.58 6.41
CA ALA B 43 21.98 -10.62 7.23
C ALA B 43 22.83 -10.11 8.40
N SER B 44 23.48 -8.96 8.22
CA SER B 44 24.34 -8.42 9.28
C SER B 44 23.58 -7.69 10.38
N PHE B 45 22.27 -7.58 10.21
CA PHE B 45 21.44 -6.86 11.17
C PHE B 45 21.03 -7.63 12.43
N GLY B 46 21.49 -8.86 12.58
CA GLY B 46 21.11 -9.59 13.78
C GLY B 46 19.74 -10.24 13.71
N ASN B 47 19.14 -10.47 14.88
CA ASN B 47 17.85 -11.15 14.96
C ASN B 47 16.67 -10.50 14.23
N LEU B 48 16.14 -11.22 13.25
CA LEU B 48 14.98 -10.77 12.47
C LEU B 48 14.01 -11.96 12.40
N SER B 49 14.11 -12.84 13.39
CA SER B 49 13.32 -14.07 13.43
C SER B 49 11.82 -13.99 13.70
N SER B 50 11.31 -12.79 13.97
CA SER B 50 9.89 -12.63 14.22
C SER B 50 9.52 -11.16 14.04
N ALA B 51 8.22 -10.88 13.92
CA ALA B 51 7.80 -9.49 13.76
C ALA B 51 8.23 -8.65 14.95
N ASN B 52 8.11 -9.22 16.15
CA ASN B 52 8.49 -8.49 17.36
C ASN B 52 10.00 -8.26 17.37
N ALA B 53 10.78 -9.26 16.98
CA ALA B 53 12.22 -9.12 16.95
C ALA B 53 12.62 -8.01 15.96
N ILE B 54 11.95 -7.98 14.81
CA ILE B 54 12.24 -6.97 13.81
C ILE B 54 11.91 -5.56 14.31
N LEU B 55 10.76 -5.42 14.99
CA LEU B 55 10.34 -4.12 15.50
C LEU B 55 11.23 -3.59 16.62
N HIS B 56 11.99 -4.49 17.25
CA HIS B 56 12.88 -4.09 18.34
C HIS B 56 14.34 -4.12 17.93
N ASN B 57 14.58 -4.32 16.65
CA ASN B 57 15.94 -4.38 16.11
C ASN B 57 16.48 -2.97 15.87
N ALA B 58 17.46 -2.57 16.70
CA ALA B 58 18.04 -1.24 16.61
C ALA B 58 18.59 -0.87 15.23
N LYS B 59 19.25 -1.81 14.57
CA LYS B 59 19.83 -1.55 13.27
C LYS B 59 18.75 -1.34 12.21
N VAL B 60 17.68 -2.12 12.28
CA VAL B 60 16.59 -1.97 11.33
C VAL B 60 16.01 -0.57 11.47
N LEU B 61 15.79 -0.15 12.72
CA LEU B 61 15.23 1.17 12.98
C LEU B 61 16.17 2.29 12.53
N ALA B 62 17.46 2.13 12.82
CA ALA B 62 18.43 3.14 12.42
C ALA B 62 18.52 3.22 10.89
N HIS B 63 18.53 2.07 10.24
CA HIS B 63 18.60 2.04 8.79
C HIS B 63 17.35 2.67 8.17
N GLY B 64 16.21 2.42 8.79
CA GLY B 64 14.97 3.00 8.28
C GLY B 64 15.02 4.51 8.34
N GLN B 65 15.67 5.03 9.38
CA GLN B 65 15.81 6.48 9.55
C GLN B 65 16.65 7.03 8.40
N LYS B 66 17.71 6.32 8.04
CA LYS B 66 18.57 6.78 6.95
C LYS B 66 17.86 6.70 5.60
N VAL B 67 17.00 5.69 5.44
CA VAL B 67 16.28 5.55 4.19
C VAL B 67 15.27 6.67 4.02
N LEU B 68 14.53 6.97 5.08
CA LEU B 68 13.54 8.04 4.99
C LEU B 68 14.22 9.40 4.86
N THR B 69 15.43 9.52 5.40
CA THR B 69 16.17 10.77 5.28
C THR B 69 16.47 10.94 3.79
N SER B 70 16.72 9.82 3.12
CA SER B 70 17.01 9.82 1.70
C SER B 70 15.78 10.28 0.93
N PHE B 71 14.60 9.77 1.31
CA PHE B 71 13.37 10.18 0.65
C PHE B 71 13.24 11.70 0.83
N GLY B 72 13.72 12.18 1.97
CA GLY B 72 13.66 13.61 2.25
C GLY B 72 14.46 14.41 1.24
N GLU B 73 15.50 13.81 0.67
CA GLU B 73 16.32 14.50 -0.31
C GLU B 73 15.55 14.64 -1.62
N ALA B 74 14.54 13.80 -1.81
CA ALA B 74 13.71 13.87 -3.00
C ALA B 74 12.72 15.02 -2.78
N VAL B 75 12.15 15.05 -1.57
CA VAL B 75 11.19 16.09 -1.18
C VAL B 75 11.80 17.47 -1.31
N LYS B 76 13.06 17.60 -0.89
CA LYS B 76 13.78 18.87 -0.92
C LYS B 76 14.23 19.35 -2.30
N ASN B 77 14.20 18.46 -3.29
CA ASN B 77 14.61 18.80 -4.66
C ASN B 77 13.77 17.96 -5.62
N LEU B 78 12.48 18.23 -5.66
CA LEU B 78 11.53 17.49 -6.50
C LEU B 78 11.81 17.44 -8.00
N ASP B 79 12.48 18.45 -8.54
CA ASP B 79 12.76 18.47 -9.97
C ASP B 79 14.07 17.80 -10.38
N ASN B 80 14.82 17.32 -9.41
CA ASN B 80 16.11 16.68 -9.71
C ASN B 80 16.29 15.33 -9.01
N ILE B 81 15.21 14.57 -8.92
CA ILE B 81 15.23 13.27 -8.26
C ILE B 81 16.15 12.26 -8.95
N LYS B 82 16.03 12.13 -10.27
CA LYS B 82 16.85 11.18 -11.01
C LYS B 82 18.33 11.38 -10.68
N LYS B 83 18.74 12.64 -10.61
CA LYS B 83 20.12 13.02 -10.31
C LYS B 83 20.52 12.74 -8.87
N THR B 84 19.64 13.08 -7.93
CA THR B 84 19.89 12.88 -6.51
C THR B 84 20.14 11.43 -6.10
N PHE B 85 19.49 10.49 -6.81
CA PHE B 85 19.60 9.08 -6.49
C PHE B 85 20.47 8.24 -7.41
N ALA B 86 21.18 8.87 -8.34
CA ALA B 86 22.05 8.16 -9.28
C ALA B 86 23.05 7.29 -8.55
N GLN B 87 23.63 7.85 -7.48
CA GLN B 87 24.61 7.18 -6.65
C GLN B 87 24.02 5.96 -5.96
N LEU B 88 22.88 6.15 -5.29
CA LEU B 88 22.20 5.05 -4.61
C LEU B 88 21.72 4.00 -5.61
N SER B 89 21.46 4.42 -6.84
CA SER B 89 21.00 3.51 -7.87
C SER B 89 22.11 2.48 -8.15
N GLU B 90 23.34 2.96 -8.23
CA GLU B 90 24.48 2.09 -8.48
C GLU B 90 24.65 1.12 -7.32
N LEU B 91 24.50 1.62 -6.10
CA LEU B 91 24.64 0.79 -4.91
C LEU B 91 23.64 -0.36 -4.87
N HIS B 92 22.36 -0.03 -5.00
CA HIS B 92 21.30 -1.04 -4.96
C HIS B 92 21.29 -2.00 -6.14
N CYS B 93 21.68 -1.50 -7.31
CA CYS B 93 21.68 -2.31 -8.52
C CYS B 93 22.99 -3.07 -8.75
N GLU B 94 24.09 -2.33 -8.89
CA GLU B 94 25.38 -2.96 -9.15
C GLU B 94 26.03 -3.66 -7.96
N LYS B 95 25.84 -3.12 -6.76
CA LYS B 95 26.46 -3.72 -5.58
C LYS B 95 25.57 -4.70 -4.81
N LEU B 96 24.38 -4.28 -4.45
CA LEU B 96 23.46 -5.11 -3.69
C LEU B 96 22.59 -6.05 -4.51
N HIS B 97 22.37 -5.70 -5.78
CA HIS B 97 21.53 -6.50 -6.66
C HIS B 97 20.12 -6.72 -6.11
N VAL B 98 19.48 -5.62 -5.72
CA VAL B 98 18.12 -5.68 -5.21
C VAL B 98 17.19 -5.55 -6.41
N ASP B 99 16.28 -6.50 -6.58
CA ASP B 99 15.36 -6.40 -7.71
C ASP B 99 14.52 -5.15 -7.52
N PRO B 100 14.41 -4.31 -8.57
CA PRO B 100 13.64 -3.06 -8.55
C PRO B 100 12.19 -3.15 -8.07
N GLU B 101 11.59 -4.34 -8.18
CA GLU B 101 10.21 -4.50 -7.74
C GLU B 101 10.08 -4.14 -6.26
N ASN B 102 11.15 -4.41 -5.51
CA ASN B 102 11.12 -4.13 -4.09
C ASN B 102 11.14 -2.64 -3.75
N PHE B 103 11.62 -1.82 -4.70
CA PHE B 103 11.63 -0.37 -4.49
C PHE B 103 10.19 0.12 -4.50
N LYS B 104 9.37 -0.50 -5.34
CA LYS B 104 7.97 -0.13 -5.42
C LYS B 104 7.23 -0.63 -4.18
N LEU B 105 7.60 -1.80 -3.68
CA LEU B 105 6.96 -2.33 -2.48
C LEU B 105 7.23 -1.44 -1.28
N LEU B 106 8.48 -0.97 -1.14
CA LEU B 106 8.81 -0.09 -0.03
C LEU B 106 7.99 1.21 -0.15
N GLY B 107 7.90 1.72 -1.38
CA GLY B 107 7.14 2.94 -1.60
C GLY B 107 5.69 2.77 -1.17
N ASN B 108 5.11 1.62 -1.47
CA ASN B 108 3.72 1.35 -1.09
C ASN B 108 3.59 1.32 0.43
N ILE B 109 4.58 0.72 1.09
CA ILE B 109 4.56 0.65 2.54
C ILE B 109 4.60 2.06 3.13
N LEU B 110 5.44 2.92 2.57
CA LEU B 110 5.54 4.29 3.07
C LEU B 110 4.21 5.02 2.95
N ILE B 111 3.49 4.79 1.86
CA ILE B 111 2.18 5.43 1.68
C ILE B 111 1.23 5.01 2.81
N ILE B 112 1.21 3.73 3.12
CA ILE B 112 0.36 3.22 4.19
C ILE B 112 0.78 3.82 5.54
N VAL B 113 2.09 3.87 5.80
CA VAL B 113 2.58 4.42 7.07
C VAL B 113 2.16 5.89 7.20
N LEU B 114 2.32 6.65 6.13
CA LEU B 114 1.93 8.07 6.17
C LEU B 114 0.45 8.21 6.49
N ALA B 115 -0.37 7.29 5.99
CA ALA B 115 -1.80 7.32 6.24
C ALA B 115 -2.11 7.06 7.72
N THR B 116 -1.34 6.17 8.35
CA THR B 116 -1.58 5.86 9.75
C THR B 116 -1.15 7.04 10.64
N HIS B 117 -0.22 7.85 10.15
CA HIS B 117 0.28 9.00 10.92
C HIS B 117 -0.45 10.31 10.69
N PHE B 118 -1.07 10.47 9.52
CA PHE B 118 -1.76 11.71 9.19
C PHE B 118 -3.14 11.43 8.57
N PRO B 119 -4.06 10.85 9.35
CA PRO B 119 -5.41 10.53 8.88
C PRO B 119 -6.18 11.68 8.23
N LYS B 120 -6.17 12.85 8.86
CA LYS B 120 -6.90 14.00 8.35
C LYS B 120 -6.24 14.66 7.14
N GLU B 121 -4.92 14.78 7.15
CA GLU B 121 -4.21 15.42 6.05
C GLU B 121 -3.94 14.54 4.83
N PHE B 122 -3.87 13.23 5.01
CA PHE B 122 -3.59 12.32 3.90
C PHE B 122 -4.83 11.99 3.06
N THR B 123 -5.37 13.01 2.42
CA THR B 123 -6.56 12.85 1.58
C THR B 123 -6.19 12.11 0.30
N PRO B 124 -7.20 11.71 -0.48
CA PRO B 124 -6.89 10.99 -1.73
C PRO B 124 -5.94 11.82 -2.60
N ALA B 125 -6.14 13.14 -2.61
CA ALA B 125 -5.30 14.04 -3.39
C ALA B 125 -3.88 14.06 -2.85
N SER B 126 -3.74 14.03 -1.54
CA SER B 126 -2.42 14.02 -0.93
C SER B 126 -1.75 12.69 -1.28
N GLN B 127 -2.53 11.62 -1.23
CA GLN B 127 -2.00 10.29 -1.55
C GLN B 127 -1.48 10.25 -2.99
N ALA B 128 -2.21 10.88 -3.91
CA ALA B 128 -1.80 10.91 -5.31
C ALA B 128 -0.43 11.56 -5.47
N ALA B 129 -0.21 12.67 -4.79
CA ALA B 129 1.06 13.38 -4.87
C ALA B 129 2.20 12.54 -4.28
N TRP B 130 1.95 11.96 -3.11
CA TRP B 130 2.96 11.15 -2.46
C TRP B 130 3.28 9.87 -3.21
N THR B 131 2.29 9.31 -3.90
CA THR B 131 2.49 8.08 -4.66
C THR B 131 3.35 8.44 -5.87
N LYS B 132 3.13 9.62 -6.42
CA LYS B 132 3.90 10.10 -7.56
C LYS B 132 5.35 10.24 -7.09
N LEU B 133 5.52 10.65 -5.83
CA LEU B 133 6.85 10.83 -5.25
C LEU B 133 7.60 9.52 -5.05
N VAL B 134 7.00 8.56 -4.34
CA VAL B 134 7.69 7.29 -4.10
C VAL B 134 7.97 6.55 -5.40
N ASN B 135 7.07 6.71 -6.37
CA ASN B 135 7.27 6.05 -7.66
C ASN B 135 8.44 6.69 -8.40
N ALA B 136 8.60 8.01 -8.27
CA ALA B 136 9.70 8.71 -8.93
C ALA B 136 11.03 8.28 -8.31
N VAL B 137 11.04 8.08 -7.00
CA VAL B 137 12.25 7.65 -6.32
C VAL B 137 12.59 6.22 -6.74
N ALA B 138 11.57 5.38 -6.84
CA ALA B 138 11.80 3.98 -7.24
C ALA B 138 12.29 3.94 -8.68
N HIS B 139 11.72 4.79 -9.52
CA HIS B 139 12.11 4.85 -10.93
C HIS B 139 13.57 5.28 -11.04
N ALA B 140 13.95 6.28 -10.25
CA ALA B 140 15.32 6.79 -10.27
C ALA B 140 16.32 5.74 -9.83
N LEU B 141 15.95 4.92 -8.84
CA LEU B 141 16.84 3.88 -8.35
C LEU B 141 16.94 2.72 -9.34
N ALA B 142 15.88 2.51 -10.10
CA ALA B 142 15.85 1.42 -11.07
C ALA B 142 16.64 1.73 -12.34
N LEU B 143 16.99 2.99 -12.54
CA LEU B 143 17.73 3.39 -13.74
C LEU B 143 19.10 2.71 -13.81
N GLY B 144 19.60 2.24 -12.67
CA GLY B 144 20.89 1.58 -12.65
C GLY B 144 20.81 0.21 -13.28
N TYR B 145 19.61 -0.14 -13.76
CA TYR B 145 19.35 -1.41 -14.41
C TYR B 145 19.01 -1.22 -15.88
N HIS B 146 18.31 -0.14 -16.17
CA HIS B 146 17.88 0.18 -17.54
C HIS B 146 18.91 0.99 -18.33
CHA HEM C . -18.46 -5.18 -9.60
CHB HEM C . -16.18 -7.10 -5.77
CHC HEM C . -11.95 -5.42 -7.57
CHD HEM C . -14.23 -3.42 -11.41
C1A HEM C . -18.19 -5.85 -8.43
C2A HEM C . -19.21 -6.48 -7.61
C3A HEM C . -18.57 -7.02 -6.51
C4A HEM C . -17.17 -6.73 -6.67
CMA HEM C . -19.21 -7.77 -5.36
CAA HEM C . -20.69 -6.50 -7.95
CBA HEM C . -21.52 -5.36 -7.36
CGA HEM C . -23.02 -5.55 -7.63
O1A HEM C . -23.47 -6.73 -7.69
O2A HEM C . -23.68 -4.52 -7.78
C1B HEM C . -14.83 -6.80 -5.95
C2B HEM C . -13.79 -7.18 -5.02
C3B HEM C . -12.59 -6.72 -5.52
C4B HEM C . -12.90 -6.03 -6.77
CMB HEM C . -14.03 -7.95 -3.73
CAB HEM C . -11.20 -6.84 -4.93
CBB HEM C . -11.00 -6.21 -3.56
C1C HEM C . -12.21 -4.76 -8.75
C2C HEM C . -11.18 -4.11 -9.52
C3C HEM C . -11.82 -3.54 -10.61
C4C HEM C . -13.24 -3.83 -10.51
CMC HEM C . -9.70 -4.11 -9.15
CAC HEM C . -11.17 -2.73 -11.73
CBC HEM C . -10.50 -1.58 -11.47
C1D HEM C . -15.59 -3.74 -11.23
C2D HEM C . -16.67 -3.31 -12.12
C3D HEM C . -17.85 -3.80 -11.61
C4D HEM C . -17.51 -4.54 -10.40
CMD HEM C . -16.54 -2.46 -13.37
CAD HEM C . -19.26 -3.58 -12.17
CBD HEM C . -20.15 -2.85 -11.13
CGD HEM C . -21.36 -2.07 -11.62
O1D HEM C . -21.58 -1.99 -12.85
O2D HEM C . -22.04 -1.54 -10.71
NA HEM C . -16.99 -6.03 -7.84
NB HEM C . -14.23 -6.12 -6.98
NC HEM C . -13.41 -4.58 -9.36
ND HEM C . -16.17 -4.46 -10.22
FE HEM C . -15.18 -5.33 -8.59
CHA HEM D . 21.28 1.01 1.94
CHB HEM D . 17.99 4.25 0.34
CHC HEM D . 15.12 0.50 -0.96
CHD HEM D . 18.40 -2.73 0.61
C1A HEM D . 20.63 2.19 1.62
C2A HEM D . 21.17 3.51 1.89
C3A HEM D . 20.24 4.44 1.45
C4A HEM D . 19.13 3.69 0.90
CMA HEM D . 20.35 5.95 1.51
CAA HEM D . 22.51 3.78 2.57
CBA HEM D . 22.42 3.76 4.12
CGA HEM D . 23.63 4.39 4.80
O1A HEM D . 24.25 3.68 5.63
O2A HEM D . 23.91 5.56 4.50
C1B HEM D . 16.93 3.49 -0.16
C2B HEM D . 15.72 4.05 -0.71
C3B HEM D . 14.90 3.00 -1.09
C4B HEM D . 15.63 1.77 -0.75
CMB HEM D . 15.44 5.54 -0.86
CAB HEM D . 13.51 3.07 -1.72
CBB HEM D . 13.34 2.52 -3.11
C1C HEM D . 15.76 -0.66 -0.64
C2C HEM D . 15.16 -1.95 -0.88
C3C HEM D . 16.09 -2.87 -0.43
C4C HEM D . 17.25 -2.16 0.08
CMC HEM D . 13.79 -2.16 -1.49
CAC HEM D . 15.95 -4.40 -0.46
CBC HEM D . 14.91 -5.04 0.13
C1D HEM D . 19.47 -1.98 1.11
C2D HEM D . 20.68 -2.53 1.69
C3D HEM D . 21.48 -1.49 2.07
C4D HEM D . 20.79 -0.27 1.72
CMD HEM D . 21.01 -4.00 1.89
CAD HEM D . 22.84 -1.62 2.74
CBD HEM D . 22.86 -1.14 4.21
CGD HEM D . 23.80 -1.89 5.16
O1D HEM D . 24.45 -2.86 4.71
O2D HEM D . 23.84 -1.48 6.33
NA HEM D . 19.43 2.35 1.03
NB HEM D . 16.82 2.13 -0.20
NC HEM D . 16.99 -0.82 -0.08
ND HEM D . 19.60 -0.61 1.14
FE HEM D . 18.21 0.79 0.44
#